data_5Y1A
#
_entry.id   5Y1A
#
_cell.length_a   49.016
_cell.length_b   58.324
_cell.length_c   114.417
_cell.angle_alpha   90.00
_cell.angle_beta   90.00
_cell.angle_gamma   90.00
#
_symmetry.space_group_name_H-M   'P 21 21 21'
#
loop_
_entity.id
_entity.type
_entity.pdbx_description
1 polymer '35 kDa hemin binding protein'
2 water water
#
_entity_poly.entity_id   1
_entity_poly.type   'polypeptide(L)'
_entity_poly.pdbx_seq_one_letter_code
;MKRLLLSAAILSSMALFNVNAQELKTSADMKGSFKKNVVLEVFTAEWCGYCPGGKERIAKAIEMLDDEYKERVFQTFVHY
NDGISKKWPRVGQLFIALDQTLGIPGFPTFSVCRMEKKGENLSIGAPIAIKNKIMKGFGDGTAPAEVNLKLTKGATPEDV
CTATFTGKVDADLIGKPLMLTAYVLKNNMKPINPQNGAGDGYLHQHTVLMILSTDVKGDALNIAADGSFTIKKEFKLDGF
EIKDTDVLAFVHHPMSNAENHSIINAGQESLDKAEPTATEQIVATPSVKAYVQNGKIVVEEEYSKMEVFNATGQLVKNES
LVPGVYVVRITANGVMHFLKVLVP
;
_entity_poly.pdbx_strand_id   A
#
# COMPACT_ATOMS: atom_id res chain seq x y z
N LYS A 31 17.04 -11.10 20.23
CA LYS A 31 16.88 -9.78 19.54
C LYS A 31 15.95 -8.81 20.26
N GLY A 32 14.83 -9.30 20.81
CA GLY A 32 13.81 -8.41 21.36
C GLY A 32 12.52 -8.95 21.91
N SER A 33 11.69 -8.02 22.41
CA SER A 33 10.41 -8.31 23.07
C SER A 33 9.35 -8.74 22.09
N PHE A 34 9.52 -8.42 20.80
CA PHE A 34 8.41 -8.51 19.86
C PHE A 34 8.57 -9.62 18.81
N LYS A 35 7.47 -9.94 18.11
N LYS A 35 7.46 -9.97 18.12
N LYS A 35 7.45 -10.00 18.16
CA LYS A 35 7.44 -11.01 17.12
CA LYS A 35 7.47 -11.04 17.13
CA LYS A 35 7.51 -11.04 17.14
C LYS A 35 7.83 -10.50 15.74
C LYS A 35 7.85 -10.49 15.76
C LYS A 35 7.93 -10.42 15.82
N LYS A 36 8.92 -11.04 15.18
CA LYS A 36 9.48 -10.56 13.90
C LYS A 36 8.64 -10.93 12.66
N ASN A 37 8.34 -9.91 11.87
CA ASN A 37 7.82 -10.10 10.51
C ASN A 37 8.91 -9.64 9.54
N VAL A 38 8.95 -10.27 8.37
CA VAL A 38 10.00 -10.05 7.39
C VAL A 38 9.40 -9.29 6.21
N VAL A 39 10.08 -8.23 5.78
CA VAL A 39 9.73 -7.49 4.56
C VAL A 39 10.70 -7.89 3.45
N LEU A 40 10.16 -8.17 2.26
CA LEU A 40 10.98 -8.38 1.08
C LEU A 40 10.70 -7.21 0.15
N GLU A 41 11.76 -6.58 -0.37
CA GLU A 41 11.61 -5.58 -1.45
C GLU A 41 12.21 -6.18 -2.70
N VAL A 42 11.35 -6.40 -3.71
CA VAL A 42 11.75 -7.02 -4.96
C VAL A 42 11.81 -5.98 -6.08
N PHE A 43 12.88 -6.04 -6.86
CA PHE A 43 13.14 -5.03 -7.89
C PHE A 43 12.87 -5.61 -9.27
N THR A 44 11.96 -4.97 -10.00
CA THR A 44 11.35 -5.59 -11.16
C THR A 44 10.92 -4.56 -12.22
N ALA A 45 10.64 -5.04 -13.42
CA ALA A 45 10.07 -4.18 -14.47
C ALA A 45 9.23 -4.96 -15.45
N GLU A 46 8.28 -4.26 -16.08
CA GLU A 46 7.36 -4.90 -17.03
C GLU A 46 8.05 -5.36 -18.31
N TRP A 47 9.18 -4.72 -18.63
CA TRP A 47 9.98 -5.10 -19.81
C TRP A 47 10.94 -6.26 -19.53
N CYS A 48 11.05 -6.65 -18.27
CA CYS A 48 12.06 -7.63 -17.82
C CYS A 48 11.50 -9.06 -17.93
N GLY A 49 11.97 -9.80 -18.95
CA GLY A 49 11.45 -11.15 -19.21
C GLY A 49 11.71 -12.16 -18.09
N TYR A 50 12.78 -11.92 -17.34
CA TYR A 50 13.17 -12.77 -16.23
C TYR A 50 12.35 -12.51 -14.96
N CYS A 51 11.66 -11.37 -14.92
CA CYS A 51 10.98 -10.96 -13.69
C CYS A 51 9.81 -11.87 -13.21
N PRO A 52 8.91 -12.33 -14.11
CA PRO A 52 7.90 -13.31 -13.67
C PRO A 52 8.51 -14.54 -12.96
N GLY A 53 9.62 -15.05 -13.50
CA GLY A 53 10.32 -16.20 -12.92
C GLY A 53 10.82 -15.90 -11.52
N GLY A 54 11.37 -14.71 -11.32
CA GLY A 54 11.75 -14.24 -9.99
C GLY A 54 10.59 -14.22 -9.03
N LYS A 55 9.47 -13.66 -9.47
CA LYS A 55 8.26 -13.58 -8.67
C LYS A 55 7.83 -14.98 -8.23
N GLU A 56 7.79 -15.89 -9.22
N GLU A 56 7.82 -15.92 -9.17
CA GLU A 56 7.39 -17.30 -9.04
CA GLU A 56 7.30 -17.26 -8.83
C GLU A 56 8.25 -17.99 -7.99
C GLU A 56 8.26 -18.06 -7.96
N ARG A 57 9.57 -17.83 -8.13
CA ARG A 57 10.54 -18.47 -7.23
C ARG A 57 10.35 -18.01 -5.80
N ILE A 58 10.12 -16.70 -5.60
N ILE A 58 10.11 -16.70 -5.62
CA ILE A 58 9.86 -16.21 -4.23
CA ILE A 58 9.81 -16.14 -4.31
C ILE A 58 8.54 -16.77 -3.68
C ILE A 58 8.55 -16.75 -3.70
N ALA A 59 7.51 -16.87 -4.52
CA ALA A 59 6.22 -17.41 -4.07
C ALA A 59 6.40 -18.84 -3.62
N LYS A 60 7.17 -19.61 -4.37
N LYS A 60 7.19 -19.59 -4.37
CA LYS A 60 7.45 -21.01 -4.02
CA LYS A 60 7.52 -21.00 -4.07
C LYS A 60 8.19 -21.08 -2.68
C LYS A 60 8.29 -21.15 -2.76
N ALA A 61 9.21 -20.23 -2.51
CA ALA A 61 10.00 -20.18 -1.28
C ALA A 61 9.10 -19.96 -0.07
N ILE A 62 8.16 -19.02 -0.21
CA ILE A 62 7.22 -18.71 0.87
C ILE A 62 6.37 -19.93 1.20
N GLU A 63 5.92 -20.65 0.19
N GLU A 63 5.91 -20.64 0.16
CA GLU A 63 5.10 -21.83 0.42
CA GLU A 63 5.15 -21.89 0.31
C GLU A 63 5.90 -23.00 1.03
C GLU A 63 5.90 -22.89 1.19
N MET A 64 7.22 -22.85 1.09
CA MET A 64 8.12 -23.84 1.71
C MET A 64 8.31 -23.58 3.20
N LEU A 65 7.91 -22.38 3.66
CA LEU A 65 8.04 -22.02 5.06
C LEU A 65 7.02 -22.75 5.92
N ASP A 66 7.41 -23.07 7.15
CA ASP A 66 6.48 -23.48 8.19
C ASP A 66 5.31 -22.50 8.23
N ASP A 67 4.11 -23.04 8.43
N ASP A 67 4.12 -22.99 8.62
CA ASP A 67 2.88 -22.27 8.20
CA ASP A 67 2.94 -22.14 8.83
C ASP A 67 2.75 -21.02 9.07
C ASP A 67 3.20 -20.85 9.63
N GLU A 68 3.48 -20.99 10.18
N GLU A 68 3.89 -20.96 10.75
CA GLU A 68 3.48 -19.81 11.06
CA GLU A 68 4.08 -19.81 11.64
C GLU A 68 4.17 -18.63 10.37
C GLU A 68 4.77 -18.62 10.95
N TYR A 69 5.35 -18.88 9.79
CA TYR A 69 6.13 -17.86 9.09
C TYR A 69 5.50 -17.31 7.82
N LYS A 70 4.67 -18.10 7.13
CA LYS A 70 3.98 -17.67 5.90
C LYS A 70 3.24 -16.35 6.07
N GLU A 71 2.48 -16.25 7.16
N GLU A 71 2.49 -16.25 7.16
CA GLU A 71 1.73 -15.04 7.51
CA GLU A 71 1.65 -15.10 7.43
C GLU A 71 2.64 -13.88 7.90
C GLU A 71 2.47 -13.93 8.02
N ARG A 72 3.92 -14.18 8.15
N ARG A 72 3.79 -14.12 8.08
CA ARG A 72 4.85 -13.19 8.69
CA ARG A 72 4.69 -13.12 8.65
C ARG A 72 5.86 -12.68 7.64
C ARG A 72 5.73 -12.57 7.62
N VAL A 73 5.61 -12.99 6.36
CA VAL A 73 6.45 -12.47 5.27
C VAL A 73 5.61 -11.52 4.41
N PHE A 74 6.06 -10.26 4.31
CA PHE A 74 5.30 -9.25 3.58
C PHE A 74 6.12 -8.86 2.36
N GLN A 75 5.71 -9.34 1.18
CA GLN A 75 6.41 -9.01 -0.06
C GLN A 75 6.02 -7.64 -0.60
N THR A 76 6.99 -6.98 -1.24
CA THR A 76 6.71 -5.76 -1.99
C THR A 76 7.50 -5.79 -3.30
N PHE A 77 6.89 -5.31 -4.39
CA PHE A 77 7.56 -5.25 -5.70
C PHE A 77 7.66 -3.79 -6.07
N VAL A 78 8.89 -3.36 -6.38
CA VAL A 78 9.20 -1.96 -6.67
C VAL A 78 9.61 -1.89 -8.13
N HIS A 79 8.84 -1.15 -8.92
CA HIS A 79 9.08 -1.08 -10.36
C HIS A 79 10.02 0.05 -10.75
N TYR A 80 10.81 -0.16 -11.80
CA TYR A 80 11.64 0.93 -12.32
C TYR A 80 11.72 0.95 -13.84
N ASN A 81 11.78 2.19 -14.39
CA ASN A 81 11.91 2.35 -15.85
C ASN A 81 10.83 1.61 -16.65
N ASP A 82 9.59 1.76 -16.21
CA ASP A 82 8.48 1.11 -16.90
C ASP A 82 7.19 1.89 -16.76
N GLY A 83 6.08 1.32 -17.20
CA GLY A 83 4.79 2.00 -17.11
C GLY A 83 4.33 2.33 -15.71
N ILE A 84 4.77 1.54 -14.73
N ILE A 84 4.75 1.53 -14.73
CA ILE A 84 4.35 1.75 -13.35
CA ILE A 84 4.39 1.74 -13.34
C ILE A 84 5.13 2.90 -12.72
C ILE A 84 5.13 2.97 -12.83
N SER A 85 6.43 2.96 -12.94
N SER A 85 6.45 2.94 -12.97
CA SER A 85 7.22 4.11 -12.42
CA SER A 85 7.26 4.09 -12.56
C SER A 85 6.94 5.39 -13.20
C SER A 85 6.79 5.38 -13.23
N LYS A 86 6.46 5.28 -14.43
N LYS A 86 6.49 5.29 -14.53
CA LYS A 86 6.04 6.46 -15.17
CA LYS A 86 6.02 6.44 -15.30
C LYS A 86 4.76 7.03 -14.57
C LYS A 86 4.70 7.02 -14.75
N LYS A 87 3.77 6.14 -14.38
CA LYS A 87 2.44 6.55 -13.94
C LYS A 87 2.47 7.01 -12.48
N TRP A 88 3.30 6.35 -11.66
CA TRP A 88 3.51 6.70 -10.26
C TRP A 88 4.99 7.02 -10.03
N PRO A 89 5.42 8.25 -10.38
CA PRO A 89 6.85 8.57 -10.32
C PRO A 89 7.48 8.47 -8.94
N ARG A 90 6.69 8.53 -7.86
CA ARG A 90 7.29 8.41 -6.53
C ARG A 90 7.81 6.97 -6.31
N VAL A 91 7.24 6.02 -7.05
CA VAL A 91 7.77 4.65 -7.06
C VAL A 91 9.20 4.61 -7.67
N GLY A 92 9.42 5.35 -8.76
CA GLY A 92 10.79 5.56 -9.26
C GLY A 92 11.73 6.17 -8.23
N GLN A 93 11.22 7.15 -7.49
CA GLN A 93 12.01 7.81 -6.43
CA GLN A 93 12.05 7.80 -6.47
C GLN A 93 12.39 6.82 -5.35
N LEU A 94 11.43 5.97 -4.98
CA LEU A 94 11.69 4.91 -3.99
C LEU A 94 12.82 3.98 -4.48
N PHE A 95 12.71 3.55 -5.74
CA PHE A 95 13.75 2.71 -6.34
C PHE A 95 15.12 3.38 -6.28
N ILE A 96 15.20 4.61 -6.73
CA ILE A 96 16.46 5.37 -6.72
C ILE A 96 17.11 5.40 -5.33
N ALA A 97 16.28 5.58 -4.30
CA ALA A 97 16.73 5.61 -2.92
C ALA A 97 17.25 4.25 -2.48
N LEU A 98 16.51 3.19 -2.83
CA LEU A 98 16.88 1.82 -2.48
C LEU A 98 18.18 1.45 -3.22
N ASP A 99 18.28 1.89 -4.47
CA ASP A 99 19.52 1.69 -5.24
C ASP A 99 20.74 2.37 -4.57
N GLN A 100 20.59 3.64 -4.18
CA GLN A 100 21.64 4.33 -3.44
C GLN A 100 22.07 3.55 -2.18
N THR A 101 21.11 2.96 -1.49
CA THR A 101 21.37 2.23 -0.27
C THR A 101 21.96 0.84 -0.46
N LEU A 102 21.42 0.10 -1.42
CA LEU A 102 21.71 -1.33 -1.53
C LEU A 102 22.60 -1.72 -2.72
N GLY A 103 22.58 -0.89 -3.76
CA GLY A 103 23.36 -1.17 -4.97
C GLY A 103 22.68 -2.29 -5.77
N ILE A 104 21.62 -1.93 -6.48
CA ILE A 104 20.78 -2.89 -7.23
C ILE A 104 21.31 -3.00 -8.66
N PRO A 105 21.94 -4.15 -8.97
CA PRO A 105 22.72 -4.27 -10.22
C PRO A 105 21.91 -4.62 -11.47
N GLY A 106 20.70 -5.14 -11.30
CA GLY A 106 19.91 -5.73 -12.38
C GLY A 106 18.63 -6.33 -11.81
N PHE A 107 17.77 -6.82 -12.70
CA PHE A 107 16.46 -7.37 -12.30
C PHE A 107 16.31 -8.82 -12.79
N PRO A 108 15.50 -9.64 -12.08
CA PRO A 108 14.91 -9.31 -10.79
C PRO A 108 15.92 -9.59 -9.68
N THR A 109 15.91 -8.75 -8.65
CA THR A 109 16.71 -8.94 -7.47
C THR A 109 15.82 -8.61 -6.28
N PHE A 110 16.30 -8.87 -5.07
CA PHE A 110 15.51 -8.55 -3.88
C PHE A 110 16.38 -8.33 -2.67
N SER A 111 15.79 -7.65 -1.70
CA SER A 111 16.42 -7.37 -0.41
C SER A 111 15.54 -7.93 0.71
N VAL A 112 16.18 -8.61 1.66
CA VAL A 112 15.52 -9.12 2.86
C VAL A 112 15.72 -8.14 4.02
N CYS A 113 14.65 -7.42 4.38
CA CYS A 113 14.67 -6.45 5.47
C CYS A 113 15.83 -5.45 5.34
N ARG A 114 16.23 -5.10 4.11
CA ARG A 114 17.39 -4.21 3.87
C ARG A 114 18.61 -4.58 4.67
N MET A 115 18.81 -5.88 4.86
CA MET A 115 19.89 -6.33 5.73
C MET A 115 21.23 -6.37 5.01
N GLU A 116 21.19 -6.33 3.68
CA GLU A 116 22.42 -6.37 2.87
C GLU A 116 23.19 -5.05 2.89
N LYS A 117 24.52 -5.14 3.04
CA LYS A 117 25.38 -3.96 2.81
C LYS A 117 25.44 -3.69 1.32
N LYS A 118 25.70 -2.45 0.94
CA LYS A 118 25.76 -2.07 -0.46
C LYS A 118 26.76 -2.95 -1.17
N GLY A 119 26.33 -3.55 -2.28
CA GLY A 119 27.25 -4.34 -3.11
C GLY A 119 27.21 -5.82 -2.77
N GLU A 120 26.41 -6.17 -1.76
N GLU A 120 26.43 -6.19 -1.74
CA GLU A 120 26.23 -7.55 -1.34
CA GLU A 120 26.26 -7.60 -1.33
C GLU A 120 25.33 -8.28 -2.32
C GLU A 120 25.14 -8.25 -2.14
N ASN A 121 25.00 -9.52 -1.97
N ASN A 121 25.24 -9.57 -2.35
CA ASN A 121 24.27 -10.42 -2.84
CA ASN A 121 24.42 -10.27 -3.34
C ASN A 121 22.79 -10.06 -2.80
C ASN A 121 22.93 -10.25 -3.00
N LEU A 122 22.19 -9.68 -3.94
CA LEU A 122 20.72 -9.51 -3.94
C LEU A 122 20.00 -10.54 -4.84
N SER A 123 20.66 -11.66 -5.07
N SER A 123 20.66 -11.66 -5.07
CA SER A 123 20.20 -12.65 -6.05
CA SER A 123 20.19 -12.67 -6.02
C SER A 123 18.93 -13.33 -5.58
C SER A 123 18.88 -13.28 -5.57
N ILE A 124 18.06 -13.65 -6.54
CA ILE A 124 16.88 -14.48 -6.28
C ILE A 124 17.23 -15.86 -6.85
N GLY A 125 17.63 -16.78 -5.97
CA GLY A 125 18.14 -18.10 -6.41
C GLY A 125 17.00 -19.09 -6.55
N ALA A 126 17.32 -20.38 -6.35
CA ALA A 126 16.26 -21.38 -6.24
C ALA A 126 15.38 -21.09 -5.04
N PRO A 127 14.12 -21.58 -5.06
CA PRO A 127 13.24 -21.37 -3.91
C PRO A 127 13.86 -21.71 -2.56
N ILE A 128 14.65 -22.79 -2.46
CA ILE A 128 15.27 -23.11 -1.17
C ILE A 128 16.29 -22.02 -0.72
N ALA A 129 17.02 -21.46 -1.67
CA ALA A 129 18.02 -20.42 -1.36
C ALA A 129 17.29 -19.16 -0.91
N ILE A 130 16.21 -18.83 -1.60
CA ILE A 130 15.35 -17.73 -1.16
C ILE A 130 14.79 -18.00 0.24
N LYS A 131 14.28 -19.21 0.49
CA LYS A 131 13.76 -19.54 1.81
C LYS A 131 14.82 -19.31 2.90
N ASN A 132 16.05 -19.75 2.63
CA ASN A 132 17.15 -19.58 3.59
C ASN A 132 17.46 -18.12 3.89
N LYS A 133 17.41 -17.27 2.86
CA LYS A 133 17.58 -15.81 3.03
C LYS A 133 16.45 -15.25 3.90
N ILE A 134 15.21 -15.69 3.64
CA ILE A 134 14.06 -15.28 4.46
C ILE A 134 14.24 -15.69 5.92
N MET A 135 14.69 -16.92 6.14
CA MET A 135 14.84 -17.42 7.50
C MET A 135 15.94 -16.66 8.24
N LYS A 136 16.96 -16.22 7.52
N LYS A 136 16.98 -16.23 7.53
CA LYS A 136 18.01 -15.38 8.08
CA LYS A 136 18.02 -15.39 8.13
C LYS A 136 17.41 -14.05 8.52
C LYS A 136 17.42 -14.03 8.52
N GLY A 137 16.50 -13.54 7.71
CA GLY A 137 15.72 -12.33 8.04
C GLY A 137 14.94 -12.50 9.33
N PHE A 138 14.36 -13.70 9.53
CA PHE A 138 13.66 -13.99 10.76
C PHE A 138 14.53 -14.07 12.02
N GLY A 139 15.79 -14.49 11.85
CA GLY A 139 16.72 -14.65 12.97
C GLY A 139 16.15 -15.57 14.04
N ASP A 140 16.18 -15.12 15.29
CA ASP A 140 15.57 -15.90 16.39
C ASP A 140 14.03 -15.75 16.49
N GLY A 141 13.43 -15.05 15.52
CA GLY A 141 11.98 -14.84 15.48
C GLY A 141 11.48 -13.63 16.25
N THR A 142 12.39 -12.91 16.89
CA THR A 142 12.04 -11.76 17.70
C THR A 142 12.64 -10.46 17.14
N ALA A 143 12.13 -9.35 17.62
CA ALA A 143 12.54 -8.05 17.10
C ALA A 143 12.37 -7.01 18.22
N PRO A 144 13.21 -5.96 18.22
CA PRO A 144 13.14 -4.91 19.24
C PRO A 144 12.15 -3.77 18.93
N ALA A 145 11.25 -3.98 17.95
CA ALA A 145 10.18 -3.02 17.69
C ALA A 145 8.96 -3.78 17.19
N GLU A 146 7.80 -3.12 17.26
CA GLU A 146 6.57 -3.68 16.73
C GLU A 146 5.77 -2.51 16.16
N VAL A 147 5.01 -2.80 15.11
CA VAL A 147 4.11 -1.80 14.55
C VAL A 147 2.80 -2.45 14.17
N ASN A 148 1.73 -1.83 14.66
CA ASN A 148 0.36 -2.29 14.48
C ASN A 148 -0.37 -1.27 13.63
N LEU A 149 -1.31 -1.74 12.81
CA LEU A 149 -2.01 -0.90 11.86
C LEU A 149 -3.51 -0.95 12.09
N LYS A 150 -4.13 0.23 12.14
CA LYS A 150 -5.57 0.36 12.09
C LYS A 150 -5.90 1.20 10.89
N LEU A 151 -6.60 0.59 9.93
CA LEU A 151 -6.95 1.26 8.70
C LEU A 151 -8.43 1.59 8.68
N THR A 152 -8.79 2.66 7.96
CA THR A 152 -10.20 2.86 7.56
C THR A 152 -10.23 3.17 6.08
N LYS A 153 -11.26 2.73 5.38
CA LYS A 153 -11.36 3.02 3.95
C LYS A 153 -12.36 4.09 3.61
N GLY A 154 -12.02 4.89 2.60
CA GLY A 154 -12.91 5.95 2.10
C GLY A 154 -14.03 5.28 1.37
N ALA A 155 -15.15 5.99 1.22
CA ALA A 155 -16.37 5.38 0.66
C ALA A 155 -16.36 5.34 -0.87
N THR A 156 -15.69 6.32 -1.47
CA THR A 156 -15.64 6.49 -2.92
C THR A 156 -14.22 6.91 -3.28
N PRO A 157 -13.88 6.91 -4.58
CA PRO A 157 -12.51 7.25 -5.00
C PRO A 157 -12.04 8.64 -4.58
N GLU A 158 -12.96 9.56 -4.29
N GLU A 158 -13.00 9.53 -4.32
CA GLU A 158 -12.58 10.91 -3.88
CA GLU A 158 -12.72 10.90 -3.91
C GLU A 158 -12.64 11.16 -2.37
C GLU A 158 -12.23 10.95 -2.45
N ASP A 159 -12.78 10.06 -1.62
CA ASP A 159 -12.61 10.08 -0.17
C ASP A 159 -11.21 9.63 0.20
N VAL A 160 -10.70 10.13 1.32
CA VAL A 160 -9.43 9.64 1.84
C VAL A 160 -9.64 8.31 2.57
N CYS A 161 -8.57 7.50 2.59
CA CYS A 161 -8.45 6.40 3.51
C CYS A 161 -7.58 6.91 4.65
N THR A 162 -7.56 6.19 5.77
CA THR A 162 -6.67 6.54 6.87
C THR A 162 -5.89 5.30 7.34
N ALA A 163 -4.73 5.55 7.93
CA ALA A 163 -3.91 4.49 8.46
C ALA A 163 -3.28 5.03 9.74
N THR A 164 -3.54 4.35 10.84
CA THR A 164 -2.94 4.73 12.11
C THR A 164 -1.94 3.64 12.48
N PHE A 165 -0.68 4.04 12.66
CA PHE A 165 0.41 3.12 12.96
C PHE A 165 0.81 3.39 14.38
N THR A 166 0.69 2.37 15.22
CA THR A 166 1.03 2.50 16.63
C THR A 166 1.97 1.38 16.96
N GLY A 167 2.95 1.66 17.80
CA GLY A 167 3.89 0.62 18.14
C GLY A 167 4.75 0.94 19.32
N LYS A 168 5.77 0.11 19.54
N LYS A 168 5.79 0.13 19.49
CA LYS A 168 6.68 0.29 20.66
CA LYS A 168 6.68 0.24 20.62
C LYS A 168 8.04 -0.24 20.27
C LYS A 168 8.06 -0.14 20.14
N VAL A 169 9.09 0.33 20.85
CA VAL A 169 10.45 -0.14 20.65
C VAL A 169 11.02 -0.49 22.03
N ASP A 170 11.91 -1.48 22.05
CA ASP A 170 12.64 -1.83 23.27
C ASP A 170 13.53 -0.69 23.74
N ALA A 171 13.88 -0.73 25.03
CA ALA A 171 14.70 0.31 25.67
C ALA A 171 15.99 0.70 24.92
N ASP A 172 16.64 -0.29 24.35
CA ASP A 172 17.92 -0.06 23.70
C ASP A 172 17.81 0.79 22.43
N LEU A 173 16.59 0.88 21.90
CA LEU A 173 16.35 1.64 20.69
C LEU A 173 15.86 3.07 20.97
N ILE A 174 15.43 3.33 22.20
CA ILE A 174 14.81 4.64 22.51
C ILE A 174 15.86 5.74 22.39
N GLY A 175 15.58 6.74 21.56
CA GLY A 175 16.57 7.78 21.28
C GLY A 175 17.31 7.67 19.96
N LYS A 176 17.30 6.46 19.37
N LYS A 176 17.32 6.46 19.38
CA LYS A 176 17.94 6.24 18.08
CA LYS A 176 17.98 6.27 18.09
C LYS A 176 17.10 6.84 16.96
C LYS A 176 17.12 6.84 16.96
N PRO A 177 17.75 7.24 15.84
CA PRO A 177 16.96 7.79 14.72
C PRO A 177 16.28 6.65 14.03
N LEU A 178 15.00 6.50 14.31
CA LEU A 178 14.23 5.39 13.74
C LEU A 178 13.24 6.02 12.77
N MET A 179 12.98 5.30 11.68
CA MET A 179 12.14 5.79 10.61
C MET A 179 10.92 4.88 10.47
N LEU A 180 9.82 5.45 9.99
CA LEU A 180 8.70 4.61 9.55
C LEU A 180 8.37 4.87 8.08
N THR A 181 8.28 3.77 7.32
CA THR A 181 7.86 3.83 5.92
C THR A 181 6.57 3.03 5.79
N ALA A 182 5.62 3.55 5.01
CA ALA A 182 4.40 2.79 4.72
C ALA A 182 4.14 2.81 3.22
N TYR A 183 3.75 1.66 2.71
CA TYR A 183 3.39 1.47 1.31
C TYR A 183 1.91 1.10 1.17
N VAL A 184 1.29 1.61 0.11
CA VAL A 184 0.04 1.02 -0.37
C VAL A 184 0.41 0.03 -1.48
N LEU A 185 -0.01 -1.23 -1.32
CA LEU A 185 0.36 -2.36 -2.17
C LEU A 185 -0.89 -2.80 -2.92
N LYS A 186 -0.76 -3.04 -4.22
N LYS A 186 -0.75 -3.02 -4.22
CA LYS A 186 -1.88 -3.44 -5.07
CA LYS A 186 -1.84 -3.45 -5.10
C LYS A 186 -1.68 -4.88 -5.53
C LYS A 186 -1.62 -4.94 -5.42
N ASN A 187 -2.69 -5.73 -5.27
CA ASN A 187 -2.68 -7.15 -5.69
C ASN A 187 -3.59 -7.36 -6.88
N ASN A 188 -3.47 -8.52 -7.52
CA ASN A 188 -4.25 -8.83 -8.74
C ASN A 188 -4.31 -7.67 -9.70
N MET A 189 -3.14 -7.15 -10.02
CA MET A 189 -3.07 -5.91 -10.76
C MET A 189 -2.76 -6.17 -12.21
N LYS A 190 -3.59 -5.64 -13.10
CA LYS A 190 -3.29 -5.72 -14.53
C LYS A 190 -2.05 -4.88 -14.84
N PRO A 191 -1.04 -5.47 -15.50
CA PRO A 191 0.13 -4.68 -15.89
C PRO A 191 -0.25 -3.46 -16.75
N ILE A 192 0.58 -2.41 -16.70
CA ILE A 192 0.33 -1.17 -17.45
C ILE A 192 0.60 -1.43 -18.93
N ASN A 193 1.73 -2.09 -19.20
CA ASN A 193 2.05 -2.69 -20.49
C ASN A 193 2.24 -4.19 -20.26
N PRO A 194 1.95 -5.05 -21.27
CA PRO A 194 2.08 -6.48 -21.00
C PRO A 194 3.43 -6.86 -20.42
N GLN A 195 3.39 -7.68 -19.36
CA GLN A 195 4.60 -8.13 -18.69
C GLN A 195 5.39 -9.09 -19.61
N ASN A 196 6.65 -8.72 -19.89
CA ASN A 196 7.56 -9.60 -20.63
C ASN A 196 7.77 -10.88 -19.84
N GLY A 197 7.70 -12.02 -20.54
CA GLY A 197 7.87 -13.33 -19.92
C GLY A 197 6.67 -13.89 -19.18
N ALA A 198 5.54 -13.19 -19.24
CA ALA A 198 4.36 -13.63 -18.49
C ALA A 198 3.42 -14.41 -19.38
N GLY A 199 2.85 -15.47 -18.83
CA GLY A 199 1.84 -16.24 -19.54
C GLY A 199 0.46 -15.61 -19.47
N ASP A 200 -0.51 -16.31 -20.06
CA ASP A 200 -1.89 -15.85 -20.04
C ASP A 200 -2.38 -15.60 -18.63
N GLY A 201 -3.06 -14.46 -18.48
CA GLY A 201 -3.75 -14.13 -17.24
C GLY A 201 -2.81 -13.74 -16.10
N TYR A 202 -1.55 -13.45 -16.43
CA TYR A 202 -0.59 -12.96 -15.41
C TYR A 202 -1.10 -11.67 -14.80
N LEU A 203 -0.88 -11.53 -13.49
CA LEU A 203 -1.16 -10.27 -12.76
C LEU A 203 0.00 -9.93 -11.83
N HIS A 204 0.25 -8.64 -11.64
CA HIS A 204 1.23 -8.24 -10.61
C HIS A 204 0.62 -8.51 -9.23
N GLN A 205 1.48 -8.75 -8.24
CA GLN A 205 1.02 -8.90 -6.86
C GLN A 205 1.89 -8.05 -5.92
N HIS A 206 1.33 -7.62 -4.80
CA HIS A 206 2.08 -6.97 -3.72
C HIS A 206 2.91 -5.79 -4.28
N THR A 207 2.30 -5.00 -5.17
CA THR A 207 3.05 -4.03 -5.96
C THR A 207 2.94 -2.62 -5.35
N VAL A 208 4.08 -1.99 -5.09
CA VAL A 208 4.05 -0.68 -4.44
C VAL A 208 3.54 0.41 -5.40
N LEU A 209 2.44 1.06 -5.05
CA LEU A 209 1.96 2.21 -5.85
C LEU A 209 2.02 3.54 -5.13
N MET A 210 2.07 3.49 -3.80
CA MET A 210 2.20 4.70 -2.99
C MET A 210 3.16 4.51 -1.83
N ILE A 211 3.84 5.58 -1.47
CA ILE A 211 4.69 5.65 -0.27
C ILE A 211 4.13 6.83 0.53
N LEU A 212 3.72 6.55 1.75
CA LEU A 212 2.95 7.52 2.52
C LEU A 212 3.74 8.65 3.18
N SER A 213 5.06 8.47 3.30
N SER A 213 5.05 8.45 3.34
CA SER A 213 5.95 9.55 3.78
CA SER A 213 5.94 9.57 3.75
C SER A 213 6.44 10.40 2.60
C SER A 213 6.29 10.41 2.52
N THR A 214 6.26 11.73 2.68
CA THR A 214 6.75 12.63 1.63
C THR A 214 8.15 12.22 1.13
N ASP A 215 9.06 12.06 2.09
N ASP A 215 9.08 12.07 2.05
CA ASP A 215 10.36 11.47 1.81
CA ASP A 215 10.38 11.56 1.67
C ASP A 215 10.17 9.97 1.66
C ASP A 215 10.32 10.05 1.69
N VAL A 216 10.63 9.44 0.53
CA VAL A 216 10.54 7.99 0.31
C VAL A 216 11.45 7.22 1.24
N LYS A 217 12.38 7.94 1.89
CA LYS A 217 13.29 7.38 2.88
C LYS A 217 12.64 7.25 4.26
N GLY A 218 11.39 7.72 4.41
CA GLY A 218 10.64 7.51 5.67
C GLY A 218 10.40 8.76 6.49
N ASP A 219 9.40 8.70 7.38
CA ASP A 219 9.19 9.75 8.36
C ASP A 219 9.96 9.43 9.62
N ALA A 220 10.56 10.44 10.26
CA ALA A 220 11.23 10.27 11.57
C ALA A 220 10.21 9.92 12.65
N LEU A 221 10.51 8.88 13.43
CA LEU A 221 9.61 8.46 14.52
C LEU A 221 9.88 9.19 15.81
N ASN A 222 8.80 9.64 16.44
CA ASN A 222 8.86 10.25 17.75
C ASN A 222 8.61 9.22 18.82
N ILE A 223 9.66 8.77 19.49
CA ILE A 223 9.56 7.67 20.45
C ILE A 223 9.47 8.27 21.86
N ALA A 224 8.38 7.96 22.57
CA ALA A 224 8.21 8.41 23.97
C ALA A 224 9.09 7.60 24.95
N ALA A 225 9.16 8.07 26.19
CA ALA A 225 9.93 7.41 27.24
C ALA A 225 9.56 5.94 27.45
N ASP A 226 8.28 5.59 27.31
CA ASP A 226 7.88 4.18 27.39
C ASP A 226 8.14 3.37 26.10
N GLY A 227 8.79 4.00 25.12
CA GLY A 227 9.04 3.38 23.83
C GLY A 227 7.94 3.44 22.78
N SER A 228 6.82 4.09 23.10
N SER A 228 6.83 4.12 23.11
CA SER A 228 5.64 4.04 22.22
CA SER A 228 5.65 4.09 22.24
C SER A 228 5.72 5.12 21.16
C SER A 228 5.75 5.12 21.14
N PHE A 229 4.98 4.92 20.08
CA PHE A 229 4.82 5.92 19.00
C PHE A 229 3.48 5.76 18.31
N THR A 230 3.03 6.85 17.67
CA THR A 230 1.81 6.87 16.88
C THR A 230 2.03 7.79 15.69
N ILE A 231 1.73 7.28 14.49
CA ILE A 231 1.74 8.10 13.27
C ILE A 231 0.40 7.86 12.58
N LYS A 232 -0.28 8.92 12.16
CA LYS A 232 -1.55 8.77 11.44
C LYS A 232 -1.41 9.41 10.05
N LYS A 233 -1.86 8.68 9.03
CA LYS A 233 -1.87 9.22 7.66
C LYS A 233 -3.31 9.25 7.14
N GLU A 234 -3.60 10.23 6.28
N GLU A 234 -3.61 10.28 6.35
CA GLU A 234 -4.90 10.33 5.64
CA GLU A 234 -4.86 10.33 5.63
C GLU A 234 -4.65 10.67 4.17
C GLU A 234 -4.42 10.52 4.18
N PHE A 235 -4.96 9.70 3.28
CA PHE A 235 -4.52 9.74 1.87
C PHE A 235 -5.62 9.28 0.90
N LYS A 236 -5.72 9.98 -0.23
N LYS A 236 -5.78 10.01 -0.21
CA LYS A 236 -6.57 9.57 -1.36
CA LYS A 236 -6.58 9.54 -1.33
C LYS A 236 -5.78 8.58 -2.25
C LYS A 236 -5.73 8.48 -2.06
N LEU A 237 -6.37 7.45 -2.61
CA LEU A 237 -5.67 6.49 -3.49
C LEU A 237 -5.29 7.20 -4.81
N ASP A 238 -4.03 7.01 -5.22
CA ASP A 238 -3.45 7.66 -6.40
C ASP A 238 -3.92 7.00 -7.71
N GLY A 239 -5.21 7.03 -8.01
CA GLY A 239 -5.66 6.63 -9.33
C GLY A 239 -5.63 5.14 -9.61
N PHE A 240 -5.89 4.37 -8.57
CA PHE A 240 -6.13 2.95 -8.73
C PHE A 240 -7.25 2.56 -7.81
N GLU A 241 -7.83 1.39 -8.10
CA GLU A 241 -9.00 0.93 -7.36
C GLU A 241 -8.60 0.38 -6.02
N ILE A 242 -9.49 0.50 -5.04
CA ILE A 242 -9.19 -0.02 -3.68
C ILE A 242 -9.22 -1.56 -3.57
N LYS A 243 -9.98 -2.21 -4.46
N LYS A 243 -9.95 -2.20 -4.50
CA LYS A 243 -10.10 -3.67 -4.40
CA LYS A 243 -9.99 -3.66 -4.65
C LYS A 243 -8.70 -4.30 -4.42
C LYS A 243 -8.60 -4.28 -4.43
N ASP A 244 -8.50 -5.28 -3.54
CA ASP A 244 -7.25 -6.05 -3.38
C ASP A 244 -6.03 -5.18 -3.08
N THR A 245 -6.13 -4.31 -2.09
CA THR A 245 -5.02 -3.47 -1.65
C THR A 245 -4.68 -3.77 -0.19
N ASP A 246 -3.38 -3.66 0.12
CA ASP A 246 -2.87 -3.80 1.49
C ASP A 246 -2.13 -2.50 1.86
N VAL A 247 -1.99 -2.22 3.16
CA VAL A 247 -1.04 -1.19 3.62
C VAL A 247 -0.02 -1.91 4.48
N LEU A 248 1.23 -1.71 4.13
CA LEU A 248 2.37 -2.25 4.87
C LEU A 248 3.08 -1.08 5.55
N ALA A 249 3.41 -1.22 6.82
CA ALA A 249 4.26 -0.22 7.49
C ALA A 249 5.41 -0.92 8.13
N PHE A 250 6.57 -0.27 8.11
CA PHE A 250 7.72 -0.84 8.82
C PHE A 250 8.61 0.20 9.49
N VAL A 251 9.14 -0.19 10.65
CA VAL A 251 10.13 0.60 11.40
C VAL A 251 11.54 0.17 10.96
N HIS A 252 12.39 1.15 10.67
CA HIS A 252 13.69 0.82 10.11
C HIS A 252 14.73 1.85 10.48
N HIS A 253 16.00 1.44 10.40
CA HIS A 253 17.12 2.34 10.51
C HIS A 253 17.21 3.22 9.26
N PRO A 254 17.86 4.39 9.38
CA PRO A 254 17.94 5.30 8.24
C PRO A 254 18.62 4.66 7.02
N MET A 255 18.07 4.88 5.84
CA MET A 255 18.70 4.44 4.60
C MET A 255 20.13 4.93 4.44
N SER A 256 20.40 6.10 4.99
CA SER A 256 21.73 6.74 4.92
C SER A 256 22.81 6.11 5.81
N ASN A 257 22.42 5.18 6.69
CA ASN A 257 23.37 4.50 7.57
C ASN A 257 23.91 3.28 6.86
N ALA A 258 25.13 3.40 6.34
CA ALA A 258 25.72 2.31 5.57
C ALA A 258 25.96 1.02 6.38
N GLU A 259 26.19 1.19 7.68
N GLU A 259 26.23 1.14 7.67
CA GLU A 259 26.50 0.10 8.60
CA GLU A 259 26.48 -0.06 8.47
C GLU A 259 25.27 -0.75 8.97
C GLU A 259 25.21 -0.82 8.82
N ASN A 260 24.12 -0.09 9.06
CA ASN A 260 22.84 -0.73 9.42
C ASN A 260 21.69 0.17 8.97
N HIS A 261 21.08 -0.20 7.85
CA HIS A 261 19.91 0.48 7.29
C HIS A 261 18.75 -0.55 7.25
N SER A 262 18.79 -1.49 8.20
CA SER A 262 17.84 -2.64 8.16
C SER A 262 16.43 -2.25 8.62
N ILE A 263 15.47 -3.03 8.14
CA ILE A 263 14.10 -2.97 8.60
C ILE A 263 14.02 -3.79 9.89
N ILE A 264 13.49 -3.15 10.93
CA ILE A 264 13.50 -3.71 12.27
C ILE A 264 12.24 -4.60 12.46
N ASN A 265 11.06 -4.05 12.16
CA ASN A 265 9.86 -4.87 12.12
C ASN A 265 8.79 -4.22 11.25
N ALA A 266 7.72 -4.95 11.00
CA ALA A 266 6.70 -4.50 10.04
C ALA A 266 5.33 -4.99 10.48
N GLY A 267 4.30 -4.34 9.96
CA GLY A 267 2.92 -4.78 10.14
C GLY A 267 2.18 -4.54 8.82
N GLN A 268 1.11 -5.29 8.59
CA GLN A 268 0.38 -5.17 7.31
C GLN A 268 -1.06 -5.58 7.50
N GLU A 269 -1.96 -4.80 6.88
CA GLU A 269 -3.39 -5.08 6.95
C GLU A 269 -4.03 -4.85 5.59
N SER A 270 -5.17 -5.50 5.34
N SER A 270 -5.17 -5.52 5.35
CA SER A 270 -5.93 -5.28 4.09
CA SER A 270 -5.99 -5.28 4.17
C SER A 270 -6.72 -3.97 4.14
C SER A 270 -6.62 -3.88 4.22
N LEU A 271 -6.52 -3.13 3.14
CA LEU A 271 -7.23 -1.85 3.04
C LEU A 271 -8.66 -2.06 2.53
N ASP A 272 -8.83 -2.89 1.50
CA ASP A 272 -10.19 -3.12 0.99
C ASP A 272 -11.11 -3.82 2.00
N LYS A 273 -10.54 -4.57 2.92
N LYS A 273 -10.52 -4.61 2.90
CA LYS A 273 -11.33 -5.21 3.96
CA LYS A 273 -11.23 -5.26 4.03
C LYS A 273 -11.48 -4.35 5.19
C LYS A 273 -11.23 -4.46 5.32
N ALA A 274 -10.80 -3.19 5.24
CA ALA A 274 -10.81 -2.33 6.44
C ALA A 274 -12.21 -1.80 6.74
N GLU A 275 -12.38 -1.35 7.99
N GLU A 275 -12.41 -1.38 7.99
CA GLU A 275 -13.56 -0.60 8.42
CA GLU A 275 -13.67 -0.74 8.38
C GLU A 275 -13.79 0.62 7.53
C GLU A 275 -13.84 0.57 7.61
N PRO A 276 -15.06 0.87 7.17
CA PRO A 276 -15.35 2.15 6.49
C PRO A 276 -15.16 3.30 7.47
N THR A 277 -14.57 4.40 7.01
CA THR A 277 -14.53 5.64 7.82
C THR A 277 -15.96 5.94 8.30
N ALA A 278 -16.09 6.18 9.60
CA ALA A 278 -17.39 6.22 10.28
C ALA A 278 -18.11 7.59 10.18
N THR A 279 -17.37 8.61 9.79
CA THR A 279 -17.89 9.98 9.79
C THR A 279 -17.69 10.64 8.43
N GLU A 280 -18.45 11.72 8.21
CA GLU A 280 -18.30 12.56 7.04
C GLU A 280 -17.85 13.95 7.46
N GLN A 281 -17.06 14.56 6.60
CA GLN A 281 -16.63 15.95 6.81
C GLN A 281 -17.87 16.88 6.84
N ILE A 282 -17.78 17.94 7.64
CA ILE A 282 -18.88 18.92 7.76
C ILE A 282 -18.82 19.87 6.55
N VAL A 283 -19.74 19.67 5.60
CA VAL A 283 -19.77 20.48 4.38
C VAL A 283 -20.69 21.68 4.61
N ALA A 284 -20.58 22.65 3.71
CA ALA A 284 -21.45 23.81 3.70
C ALA A 284 -22.88 23.35 3.42
N THR A 285 -23.84 24.16 3.87
CA THR A 285 -25.24 23.93 3.62
C THR A 285 -25.40 23.76 2.12
N PRO A 286 -25.85 22.56 1.68
CA PRO A 286 -25.97 22.35 0.23
C PRO A 286 -27.02 23.25 -0.45
N SER A 287 -26.68 23.65 -1.67
N SER A 287 -26.73 23.71 -1.66
CA SER A 287 -27.54 24.45 -2.57
CA SER A 287 -27.76 24.40 -2.41
C SER A 287 -28.35 23.55 -3.51
C SER A 287 -28.64 23.39 -3.13
N VAL A 288 -28.03 22.27 -3.52
CA VAL A 288 -28.77 21.24 -4.29
C VAL A 288 -29.16 20.10 -3.36
N LYS A 289 -30.47 19.88 -3.19
CA LYS A 289 -30.94 18.90 -2.21
C LYS A 289 -31.35 17.59 -2.88
N ALA A 290 -30.36 16.77 -3.23
CA ALA A 290 -30.64 15.45 -3.80
C ALA A 290 -31.31 14.53 -2.77
N TYR A 291 -32.16 13.61 -3.24
CA TYR A 291 -32.72 12.58 -2.38
C TYR A 291 -33.01 11.32 -3.20
N VAL A 292 -33.28 10.21 -2.51
CA VAL A 292 -33.60 8.95 -3.20
C VAL A 292 -35.10 8.69 -3.12
N GLN A 293 -35.73 8.56 -4.30
CA GLN A 293 -37.15 8.27 -4.41
C GLN A 293 -37.38 7.18 -5.45
N ASN A 294 -37.96 6.07 -5.03
N ASN A 294 -38.02 6.10 -5.03
CA ASN A 294 -38.32 4.99 -5.95
CA ASN A 294 -38.33 4.95 -5.89
C ASN A 294 -37.08 4.38 -6.62
C ASN A 294 -37.09 4.38 -6.61
N GLY A 295 -36.02 4.16 -5.85
CA GLY A 295 -34.77 3.58 -6.36
C GLY A 295 -33.87 4.48 -7.21
N LYS A 296 -34.26 5.74 -7.41
CA LYS A 296 -33.45 6.65 -8.21
C LYS A 296 -33.10 7.95 -7.46
N ILE A 297 -32.00 8.60 -7.86
CA ILE A 297 -31.64 9.89 -7.26
C ILE A 297 -32.37 11.00 -7.99
N VAL A 298 -32.99 11.88 -7.20
CA VAL A 298 -33.75 13.00 -7.73
C VAL A 298 -33.11 14.30 -7.24
N VAL A 299 -33.04 15.27 -8.15
CA VAL A 299 -32.60 16.63 -7.81
C VAL A 299 -33.68 17.58 -8.30
N GLU A 300 -34.30 18.30 -7.37
N GLU A 300 -34.17 18.41 -7.37
CA GLU A 300 -35.42 19.19 -7.71
CA GLU A 300 -35.20 19.41 -7.63
C GLU A 300 -34.93 20.57 -8.13
C GLU A 300 -34.70 20.55 -8.51
N GLU A 301 -33.69 20.88 -7.79
N GLU A 301 -33.69 21.26 -8.01
CA GLU A 301 -33.05 22.10 -8.25
CA GLU A 301 -33.17 22.46 -8.67
C GLU A 301 -32.72 21.98 -9.74
C GLU A 301 -33.02 22.28 -10.17
N GLU A 302 -32.73 23.11 -10.43
N GLU A 302 -32.95 23.39 -10.88
CA GLU A 302 -32.46 23.17 -11.86
CA GLU A 302 -32.54 23.36 -12.28
C GLU A 302 -30.99 22.80 -12.16
C GLU A 302 -31.04 23.01 -12.35
N TYR A 303 -30.74 22.11 -13.28
CA TYR A 303 -29.36 21.73 -13.64
C TYR A 303 -29.17 21.47 -15.13
N SER A 304 -27.91 21.57 -15.57
N SER A 304 -27.92 21.60 -15.58
CA SER A 304 -27.54 21.35 -16.97
CA SER A 304 -27.55 21.32 -16.95
C SER A 304 -27.12 19.90 -17.27
C SER A 304 -27.40 19.81 -17.12
N LYS A 305 -26.57 19.21 -16.27
CA LYS A 305 -26.17 17.82 -16.40
C LYS A 305 -26.15 17.15 -15.02
N MET A 306 -26.70 15.94 -14.93
CA MET A 306 -26.57 15.13 -13.72
C MET A 306 -26.01 13.75 -14.10
N GLU A 307 -24.93 13.35 -13.43
N GLU A 307 -24.93 13.35 -13.43
CA GLU A 307 -24.34 12.02 -13.61
CA GLU A 307 -24.38 12.01 -13.62
C GLU A 307 -24.17 11.31 -12.27
C GLU A 307 -24.19 11.31 -12.27
N VAL A 308 -24.47 10.01 -12.24
CA VAL A 308 -24.37 9.22 -11.01
C VAL A 308 -23.21 8.23 -11.16
N PHE A 309 -22.34 8.21 -10.16
CA PHE A 309 -21.24 7.27 -10.12
C PHE A 309 -21.41 6.37 -8.92
N ASN A 310 -21.05 5.10 -9.06
CA ASN A 310 -21.09 4.22 -7.91
C ASN A 310 -19.84 4.41 -7.05
N ALA A 311 -19.69 3.56 -6.03
CA ALA A 311 -18.58 3.73 -5.07
C ALA A 311 -17.20 3.40 -5.63
N THR A 312 -17.18 2.71 -6.79
CA THR A 312 -15.93 2.41 -7.48
C THR A 312 -15.68 3.38 -8.64
N GLY A 313 -16.52 4.41 -8.74
CA GLY A 313 -16.27 5.52 -9.67
C GLY A 313 -16.75 5.30 -11.10
N GLN A 314 -17.48 4.21 -11.31
CA GLN A 314 -18.12 3.95 -12.60
C GLN A 314 -19.34 4.80 -12.77
N LEU A 315 -19.48 5.42 -13.94
CA LEU A 315 -20.72 6.05 -14.34
C LEU A 315 -21.79 4.95 -14.42
N VAL A 316 -22.92 5.18 -13.75
CA VAL A 316 -23.99 4.19 -13.72
C VAL A 316 -25.33 4.77 -14.05
N LYS A 317 -26.21 3.92 -14.55
N LYS A 317 -26.22 3.91 -14.55
CA LYS A 317 -27.58 4.31 -14.80
CA LYS A 317 -27.61 4.25 -14.77
C LYS A 317 -28.31 4.64 -13.51
C LYS A 317 -28.27 4.67 -13.46
N ASN A 318 -29.01 5.77 -13.51
CA ASN A 318 -29.75 6.26 -12.35
C ASN A 318 -31.12 5.58 -12.19
N GLU A 319 -31.11 4.29 -11.87
CA GLU A 319 -32.33 3.50 -11.78
C GLU A 319 -32.10 2.23 -10.96
N SER A 320 -33.10 1.87 -10.14
CA SER A 320 -33.05 0.67 -9.28
C SER A 320 -31.74 0.53 -8.54
N LEU A 321 -31.26 1.63 -7.98
CA LEU A 321 -29.96 1.64 -7.29
C LEU A 321 -29.99 0.76 -6.05
N VAL A 322 -29.01 -0.13 -5.96
CA VAL A 322 -28.89 -1.00 -4.80
C VAL A 322 -28.25 -0.20 -3.66
N PRO A 323 -28.46 -0.65 -2.41
CA PRO A 323 -27.87 0.04 -1.27
C PRO A 323 -26.36 0.21 -1.39
N GLY A 324 -25.89 1.38 -1.02
CA GLY A 324 -24.50 1.72 -1.14
C GLY A 324 -24.36 3.22 -1.26
N VAL A 325 -23.12 3.68 -1.37
CA VAL A 325 -22.86 5.10 -1.50
C VAL A 325 -22.61 5.42 -2.97
N TYR A 326 -23.20 6.53 -3.42
CA TYR A 326 -23.05 7.04 -4.79
C TYR A 326 -22.55 8.49 -4.77
N VAL A 327 -21.80 8.86 -5.81
CA VAL A 327 -21.42 10.26 -6.01
C VAL A 327 -22.24 10.81 -7.17
N VAL A 328 -22.96 11.90 -6.92
CA VAL A 328 -23.72 12.55 -7.97
C VAL A 328 -22.94 13.78 -8.37
N ARG A 329 -22.59 13.87 -9.65
CA ARG A 329 -21.93 15.06 -10.17
C ARG A 329 -23.01 15.86 -10.87
N ILE A 330 -23.36 17.02 -10.32
N ILE A 330 -23.35 17.01 -10.29
CA ILE A 330 -24.39 17.89 -10.91
CA ILE A 330 -24.34 17.93 -10.84
C ILE A 330 -23.82 19.23 -11.29
C ILE A 330 -23.64 19.18 -11.34
N THR A 331 -23.95 19.58 -12.57
CA THR A 331 -23.53 20.87 -13.09
C THR A 331 -24.77 21.77 -13.08
N ALA A 332 -24.69 22.85 -12.31
CA ALA A 332 -25.83 23.74 -12.13
C ALA A 332 -25.29 25.14 -11.83
N ASN A 333 -25.87 26.13 -12.49
CA ASN A 333 -25.54 27.53 -12.23
C ASN A 333 -24.05 27.80 -12.46
N GLY A 334 -23.49 27.12 -13.46
CA GLY A 334 -22.10 27.32 -13.83
C GLY A 334 -21.06 26.74 -12.88
N VAL A 335 -21.49 25.86 -11.97
CA VAL A 335 -20.55 25.17 -11.07
C VAL A 335 -20.84 23.67 -11.14
N MET A 336 -19.77 22.87 -11.15
CA MET A 336 -19.85 21.41 -11.08
C MET A 336 -19.75 20.98 -9.61
N HIS A 337 -20.85 20.45 -9.09
CA HIS A 337 -21.00 20.02 -7.68
C HIS A 337 -20.85 18.51 -7.55
N PHE A 338 -20.37 18.04 -6.40
CA PHE A 338 -20.25 16.60 -6.11
C PHE A 338 -21.00 16.35 -4.81
N LEU A 339 -22.02 15.49 -4.85
CA LEU A 339 -22.83 15.15 -3.69
C LEU A 339 -22.67 13.68 -3.43
N LYS A 340 -22.52 13.32 -2.15
CA LYS A 340 -22.43 11.91 -1.76
C LYS A 340 -23.85 11.51 -1.31
N VAL A 341 -24.44 10.53 -1.99
CA VAL A 341 -25.78 10.05 -1.62
C VAL A 341 -25.70 8.61 -1.10
N LEU A 342 -26.32 8.35 0.04
CA LEU A 342 -26.31 6.98 0.56
C LEU A 342 -27.69 6.33 0.36
N VAL A 343 -27.73 5.29 -0.46
CA VAL A 343 -28.97 4.54 -0.69
C VAL A 343 -29.01 3.46 0.39
N PRO A 344 -30.02 3.50 1.31
CA PRO A 344 -29.99 2.61 2.48
C PRO A 344 -30.40 1.17 2.18
#